data_5J41
#
_entry.id   5J41
#
_cell.length_a   78.495
_cell.length_b   89.458
_cell.length_c   69.001
_cell.angle_alpha   90.000
_cell.angle_beta   98.235
_cell.angle_gamma   90.000
#
_symmetry.space_group_name_H-M   'C 1 2 1'
#
loop_
_entity.id
_entity.type
_entity.pdbx_description
1 polymer 'Glutathione S-transferase P'
2 non-polymer '3-(3,4,5-trimethoxyphenyl)propanoic acid'
3 non-polymer GLUTATHIONE
4 non-polymer '2-(N-MORPHOLINO)-ETHANESULFONIC ACID'
5 water water
#
_entity_poly.entity_id   1
_entity_poly.type   'polypeptide(L)'
_entity_poly.pdbx_seq_one_letter_code
;PPYTVVYFPVRGRCAALRMLLADQGQSWKEEVVTVETWQEGSLKASCLYGQLPKFQDGDLTLYQSNTILRHLGRTLGLYG
KDQQEAALVDMVNDGVEDLRCKYISLIYTNYEAGKDDYVKALPGQLKPFETLLSQNQGGKTFIVGDQISFADYNLLDLLL
IHEVLAPGCLDAFPLLSAYVGRLSARPKLKAFLASPEYVNLPINGNGKQ
;
_entity_poly.pdbx_strand_id   A,B
#
# COMPACT_ATOMS: atom_id res chain seq x y z
N PRO A 1 12.87 -25.25 -3.79
CA PRO A 1 11.75 -24.72 -3.00
C PRO A 1 10.68 -24.10 -3.92
N PRO A 2 9.41 -24.04 -3.48
CA PRO A 2 8.38 -23.42 -4.31
C PRO A 2 8.55 -21.92 -4.46
N TYR A 3 9.21 -21.27 -3.52
CA TYR A 3 9.31 -19.83 -3.45
C TYR A 3 10.76 -19.39 -3.66
N THR A 4 10.91 -18.25 -4.32
CA THR A 4 12.20 -17.59 -4.47
C THR A 4 12.06 -16.11 -4.15
N VAL A 5 12.94 -15.61 -3.30
CA VAL A 5 13.04 -14.20 -2.94
C VAL A 5 14.28 -13.64 -3.64
N VAL A 6 14.09 -12.60 -4.46
CA VAL A 6 15.17 -11.95 -5.17
C VAL A 6 15.31 -10.55 -4.58
N TYR A 7 16.45 -10.29 -3.92
CA TYR A 7 16.58 -9.04 -3.18
C TYR A 7 18.04 -8.72 -2.93
N PHE A 8 18.29 -7.47 -2.56
CA PHE A 8 19.59 -7.03 -2.07
C PHE A 8 19.90 -7.74 -0.74
N PRO A 9 21.17 -7.75 -0.32
CA PRO A 9 21.56 -8.41 0.93
C PRO A 9 21.27 -7.55 2.15
N VAL A 10 19.99 -7.24 2.36
N VAL A 10 19.97 -7.35 2.40
CA VAL A 10 19.53 -6.46 3.51
CA VAL A 10 19.44 -6.41 3.37
C VAL A 10 18.23 -7.10 3.97
C VAL A 10 18.13 -6.99 3.90
N ARG A 11 17.79 -6.70 5.16
CA ARG A 11 16.49 -7.11 5.69
C ARG A 11 15.41 -6.32 4.97
N GLY A 12 15.37 -5.00 5.19
CA GLY A 12 14.56 -4.11 4.38
C GLY A 12 13.12 -4.57 4.21
N ARG A 13 12.65 -4.49 2.97
CA ARG A 13 11.27 -4.81 2.64
C ARG A 13 11.03 -6.30 2.46
N CYS A 14 12.01 -7.16 2.71
CA CYS A 14 11.80 -8.60 2.74
C CYS A 14 11.77 -9.18 4.15
N ALA A 15 12.04 -8.37 5.18
CA ALA A 15 12.12 -8.91 6.53
C ALA A 15 10.79 -9.53 6.94
N ALA A 16 9.69 -8.83 6.71
CA ALA A 16 8.40 -9.35 7.18
C ALA A 16 8.00 -10.62 6.45
N LEU A 17 8.14 -10.64 5.13
CA LEU A 17 7.74 -11.82 4.38
C LEU A 17 8.64 -13.02 4.71
N ARG A 18 9.91 -12.78 5.02
CA ARG A 18 10.78 -13.87 5.46
C ARG A 18 10.35 -14.39 6.83
N MET A 19 10.02 -13.49 7.77
CA MET A 19 9.51 -13.94 9.06
C MET A 19 8.25 -14.78 8.89
N LEU A 20 7.36 -14.33 8.00
CA LEU A 20 6.15 -15.08 7.71
C LEU A 20 6.48 -16.47 7.22
N LEU A 21 7.32 -16.57 6.19
CA LEU A 21 7.67 -17.86 5.63
C LEU A 21 8.30 -18.77 6.69
N ALA A 22 9.25 -18.24 7.45
CA ALA A 22 9.93 -19.05 8.47
C ALA A 22 8.95 -19.51 9.54
N ASP A 23 8.13 -18.59 10.04
CA ASP A 23 7.19 -18.95 11.09
C ASP A 23 6.16 -19.97 10.61
N GLN A 24 5.83 -19.94 9.32
CA GLN A 24 4.91 -20.89 8.72
C GLN A 24 5.59 -22.17 8.25
N GLY A 25 6.87 -22.34 8.56
CA GLY A 25 7.56 -23.57 8.18
C GLY A 25 7.71 -23.77 6.68
N GLN A 26 7.73 -22.70 5.90
CA GLN A 26 7.86 -22.80 4.45
C GLN A 26 9.32 -22.76 4.04
N SER A 27 9.62 -23.40 2.91
CA SER A 27 10.96 -23.39 2.34
CA SER A 27 10.96 -23.40 2.34
C SER A 27 11.04 -22.38 1.21
N TRP A 28 12.17 -21.67 1.12
CA TRP A 28 12.34 -20.73 0.04
C TRP A 28 13.81 -20.60 -0.32
N LYS A 29 14.07 -20.15 -1.54
CA LYS A 29 15.39 -19.84 -2.03
C LYS A 29 15.62 -18.34 -1.96
N GLU A 30 16.81 -17.94 -1.51
CA GLU A 30 17.25 -16.54 -1.57
C GLU A 30 18.18 -16.37 -2.76
N GLU A 31 17.80 -15.50 -3.68
CA GLU A 31 18.67 -15.08 -4.77
C GLU A 31 19.15 -13.67 -4.43
N VAL A 32 20.43 -13.56 -4.11
CA VAL A 32 20.98 -12.31 -3.62
C VAL A 32 21.51 -11.50 -4.79
N VAL A 33 21.11 -10.24 -4.84
CA VAL A 33 21.55 -9.31 -5.87
C VAL A 33 22.40 -8.25 -5.19
N THR A 34 23.67 -8.19 -5.54
CA THR A 34 24.47 -7.13 -4.95
C THR A 34 24.19 -5.81 -5.67
N VAL A 35 24.48 -4.71 -4.98
CA VAL A 35 24.32 -3.40 -5.60
C VAL A 35 25.16 -3.31 -6.87
N GLU A 36 26.32 -3.98 -6.89
CA GLU A 36 27.16 -4.03 -8.08
C GLU A 36 26.43 -4.64 -9.26
N THR A 37 25.90 -5.85 -9.07
CA THR A 37 25.13 -6.51 -10.12
C THR A 37 23.96 -5.65 -10.56
N TRP A 38 23.30 -5.00 -9.61
CA TRP A 38 22.16 -4.14 -9.93
C TRP A 38 22.58 -2.99 -10.84
N GLN A 39 23.79 -2.45 -10.64
CA GLN A 39 24.27 -1.34 -11.46
C GLN A 39 24.45 -1.75 -12.92
N GLU A 40 24.66 -3.04 -13.20
CA GLU A 40 24.80 -3.48 -14.58
C GLU A 40 23.55 -3.16 -15.40
N GLY A 41 22.37 -3.25 -14.78
CA GLY A 41 21.14 -2.70 -15.33
C GLY A 41 20.18 -3.70 -15.93
N SER A 42 20.63 -4.91 -16.29
CA SER A 42 19.75 -5.82 -17.02
C SER A 42 18.63 -6.35 -16.13
N LEU A 43 18.93 -6.78 -14.90
CA LEU A 43 17.87 -7.22 -14.01
C LEU A 43 16.87 -6.10 -13.75
N LYS A 44 17.38 -4.91 -13.44
CA LYS A 44 16.49 -3.78 -13.15
C LYS A 44 15.54 -3.51 -14.30
N ALA A 45 16.05 -3.49 -15.53
CA ALA A 45 15.22 -3.22 -16.70
C ALA A 45 14.13 -4.27 -16.86
N SER A 46 14.37 -5.49 -16.39
CA SER A 46 13.39 -6.57 -16.49
C SER A 46 12.35 -6.55 -15.35
N CYS A 47 12.57 -5.76 -14.29
CA CYS A 47 11.63 -5.71 -13.18
C CYS A 47 10.49 -4.77 -13.52
N LEU A 48 9.25 -5.16 -13.17
CA LEU A 48 8.08 -4.43 -13.62
C LEU A 48 8.16 -2.95 -13.29
N TYR A 49 8.50 -2.62 -12.05
CA TYR A 49 8.62 -1.23 -11.60
C TYR A 49 10.08 -0.83 -11.39
N GLY A 50 11.01 -1.56 -12.00
CA GLY A 50 12.41 -1.24 -11.87
C GLY A 50 13.00 -1.46 -10.50
N GLN A 51 12.38 -2.28 -9.65
CA GLN A 51 12.79 -2.41 -8.27
C GLN A 51 12.66 -3.85 -7.76
N LEU A 52 13.35 -4.11 -6.66
CA LEU A 52 13.25 -5.34 -5.88
C LEU A 52 12.53 -5.03 -4.56
N PRO A 53 11.92 -6.03 -3.92
CA PRO A 53 11.98 -7.47 -4.22
C PRO A 53 11.19 -7.91 -5.42
N LYS A 54 11.69 -8.99 -6.00
CA LYS A 54 10.99 -9.83 -6.96
C LYS A 54 10.77 -11.17 -6.28
N PHE A 55 9.63 -11.82 -6.53
CA PHE A 55 9.26 -13.03 -5.82
C PHE A 55 8.69 -14.01 -6.84
N GLN A 56 9.03 -15.27 -6.69
CA GLN A 56 8.48 -16.32 -7.53
C GLN A 56 7.78 -17.35 -6.67
N ASP A 57 6.57 -17.73 -7.07
CA ASP A 57 5.82 -18.84 -6.49
C ASP A 57 5.48 -19.71 -7.70
N GLY A 58 6.29 -20.74 -7.92
CA GLY A 58 6.17 -21.45 -9.19
C GLY A 58 6.41 -20.49 -10.33
N ASP A 59 5.55 -20.53 -11.34
CA ASP A 59 5.69 -19.64 -12.49
C ASP A 59 5.00 -18.29 -12.28
N LEU A 60 4.49 -18.01 -11.09
CA LEU A 60 3.92 -16.71 -10.80
C LEU A 60 5.04 -15.79 -10.31
N THR A 61 5.31 -14.73 -11.05
CA THR A 61 6.31 -13.76 -10.67
C THR A 61 5.62 -12.51 -10.17
N LEU A 62 5.97 -12.10 -8.96
CA LEU A 62 5.38 -10.92 -8.35
C LEU A 62 6.47 -9.89 -8.04
N TYR A 63 6.06 -8.64 -8.07
CA TYR A 63 6.80 -7.50 -7.53
C TYR A 63 5.89 -6.86 -6.50
N GLN A 64 6.48 -6.00 -5.67
CA GLN A 64 5.81 -5.21 -4.62
C GLN A 64 5.75 -5.99 -3.31
N SER A 65 6.47 -5.53 -2.29
CA SER A 65 6.57 -6.26 -1.03
C SER A 65 5.19 -6.56 -0.41
N ASN A 66 4.26 -5.60 -0.45
CA ASN A 66 2.93 -5.87 0.13
C ASN A 66 2.10 -6.81 -0.73
N THR A 67 2.36 -6.85 -2.04
CA THR A 67 1.71 -7.86 -2.88
C THR A 67 2.18 -9.26 -2.47
N ILE A 68 3.47 -9.40 -2.20
CA ILE A 68 3.99 -10.70 -1.75
C ILE A 68 3.35 -11.07 -0.41
N LEU A 69 3.29 -10.12 0.53
CA LEU A 69 2.66 -10.39 1.83
C LEU A 69 1.20 -10.82 1.67
N ARG A 70 0.43 -10.10 0.84
CA ARG A 70 -0.98 -10.44 0.66
C ARG A 70 -1.14 -11.78 -0.05
N HIS A 71 -0.27 -12.10 -0.99
CA HIS A 71 -0.34 -13.37 -1.69
C HIS A 71 -0.09 -14.53 -0.73
N LEU A 72 0.96 -14.43 0.08
CA LEU A 72 1.21 -15.44 1.10
C LEU A 72 0.09 -15.47 2.12
N GLY A 73 -0.44 -14.30 2.48
CA GLY A 73 -1.57 -14.27 3.41
C GLY A 73 -2.79 -15.01 2.87
N ARG A 74 -3.11 -14.78 1.60
CA ARG A 74 -4.25 -15.43 0.98
C ARG A 74 -4.04 -16.94 0.88
N THR A 75 -2.85 -17.35 0.41
CA THR A 75 -2.64 -18.75 0.12
C THR A 75 -2.36 -19.57 1.38
N LEU A 76 -1.87 -18.96 2.45
CA LEU A 76 -1.56 -19.67 3.69
C LEU A 76 -2.58 -19.40 4.80
N GLY A 77 -3.68 -18.74 4.49
CA GLY A 77 -4.73 -18.54 5.49
C GLY A 77 -4.36 -17.57 6.59
N LEU A 78 -3.65 -16.50 6.24
CA LEU A 78 -3.18 -15.48 7.19
C LEU A 78 -3.79 -14.13 6.81
N TYR A 79 -5.09 -14.12 6.54
CA TYR A 79 -5.77 -12.95 6.00
C TYR A 79 -7.15 -12.81 6.63
N GLY A 80 -7.25 -13.15 7.92
CA GLY A 80 -8.51 -13.01 8.64
C GLY A 80 -9.44 -14.19 8.42
N LYS A 81 -10.46 -14.26 9.28
CA LYS A 81 -11.42 -15.36 9.24
C LYS A 81 -12.59 -15.08 8.31
N ASP A 82 -12.82 -13.83 7.93
CA ASP A 82 -13.96 -13.44 7.11
C ASP A 82 -13.60 -12.12 6.44
N GLN A 83 -14.54 -11.58 5.65
CA GLN A 83 -14.26 -10.37 4.89
C GLN A 83 -14.05 -9.18 5.81
N GLN A 84 -14.80 -9.10 6.91
CA GLN A 84 -14.62 -8.00 7.85
C GLN A 84 -13.19 -7.99 8.39
N GLU A 85 -12.72 -9.16 8.86
CA GLU A 85 -11.36 -9.22 9.38
C GLU A 85 -10.34 -8.95 8.29
N ALA A 86 -10.61 -9.41 7.06
CA ALA A 86 -9.67 -9.13 5.97
C ALA A 86 -9.51 -7.62 5.77
N ALA A 87 -10.61 -6.87 5.84
CA ALA A 87 -10.52 -5.42 5.72
C ALA A 87 -9.71 -4.81 6.86
N LEU A 88 -9.91 -5.30 8.08
CA LEU A 88 -9.14 -4.78 9.22
C LEU A 88 -7.66 -5.12 9.08
N VAL A 89 -7.35 -6.31 8.55
CA VAL A 89 -5.95 -6.66 8.28
C VAL A 89 -5.35 -5.68 7.28
N ASP A 90 -6.09 -5.37 6.21
CA ASP A 90 -5.60 -4.37 5.25
C ASP A 90 -5.39 -3.03 5.92
N MET A 91 -6.31 -2.63 6.80
CA MET A 91 -6.22 -1.33 7.44
C MET A 91 -4.96 -1.24 8.28
N VAL A 92 -4.60 -2.32 8.98
CA VAL A 92 -3.35 -2.38 9.72
C VAL A 92 -2.17 -2.31 8.77
N ASN A 93 -2.17 -3.14 7.73
CA ASN A 93 -1.01 -3.20 6.87
C ASN A 93 -0.75 -1.87 6.16
N ASP A 94 -1.83 -1.18 5.75
CA ASP A 94 -1.66 0.12 5.11
C ASP A 94 -1.06 1.13 6.09
N GLY A 95 -1.47 1.07 7.37
CA GLY A 95 -0.84 1.92 8.37
C GLY A 95 0.63 1.60 8.58
N VAL A 96 0.98 0.30 8.57
CA VAL A 96 2.38 -0.10 8.69
C VAL A 96 3.17 0.43 7.51
N GLU A 97 2.62 0.29 6.30
CA GLU A 97 3.30 0.78 5.11
C GLU A 97 3.54 2.29 5.18
N ASP A 98 2.54 3.06 5.63
CA ASP A 98 2.72 4.52 5.72
C ASP A 98 3.90 4.85 6.63
N LEU A 99 3.98 4.22 7.81
CA LEU A 99 5.09 4.52 8.70
C LEU A 99 6.40 4.00 8.15
N ARG A 100 6.39 2.83 7.51
CA ARG A 100 7.61 2.32 6.88
C ARG A 100 8.14 3.30 5.85
N CYS A 101 7.26 3.91 5.05
CA CYS A 101 7.73 4.88 4.06
C CYS A 101 8.42 6.06 4.74
N LYS A 102 7.88 6.53 5.87
CA LYS A 102 8.52 7.62 6.58
C LYS A 102 9.87 7.19 7.15
N TYR A 103 9.93 5.98 7.71
CA TYR A 103 11.20 5.43 8.22
C TYR A 103 12.23 5.36 7.10
N ILE A 104 11.83 4.86 5.94
CA ILE A 104 12.77 4.71 4.82
C ILE A 104 13.24 6.08 4.33
N SER A 105 12.34 7.06 4.26
CA SER A 105 12.75 8.41 3.90
C SER A 105 13.81 8.94 4.87
N LEU A 106 13.60 8.73 6.16
CA LEU A 106 14.58 9.17 7.14
C LEU A 106 15.92 8.47 6.91
N ILE A 107 15.90 7.14 6.85
CA ILE A 107 17.14 6.36 6.76
C ILE A 107 17.94 6.76 5.53
N TYR A 108 17.28 6.83 4.37
CA TYR A 108 18.03 6.95 3.13
C TYR A 108 18.20 8.38 2.65
N THR A 109 17.40 9.33 3.12
CA THR A 109 17.47 10.70 2.59
C THR A 109 17.70 11.80 3.60
N ASN A 110 17.58 11.54 4.91
CA ASN A 110 17.65 12.67 5.84
C ASN A 110 17.99 12.25 7.27
N TYR A 111 18.88 11.27 7.44
CA TYR A 111 19.06 10.68 8.76
C TYR A 111 19.59 11.69 9.78
N GLU A 112 20.71 12.34 9.46
CA GLU A 112 21.34 13.21 10.46
C GLU A 112 20.45 14.40 10.82
N ALA A 113 19.90 15.08 9.82
CA ALA A 113 19.09 16.27 10.09
C ALA A 113 17.68 15.92 10.56
N GLY A 114 17.16 14.74 10.22
CA GLY A 114 15.78 14.45 10.49
C GLY A 114 15.50 13.57 11.70
N LYS A 115 16.53 12.94 12.26
CA LYS A 115 16.27 11.90 13.25
C LYS A 115 15.59 12.44 14.50
N ASP A 116 16.04 13.60 15.00
CA ASP A 116 15.45 14.18 16.20
C ASP A 116 13.95 14.39 16.03
N ASP A 117 13.55 15.06 14.94
CA ASP A 117 12.14 15.31 14.71
C ASP A 117 11.37 14.00 14.54
N TYR A 118 11.96 13.03 13.82
CA TYR A 118 11.29 11.76 13.61
C TYR A 118 11.01 11.07 14.94
N VAL A 119 12.02 10.99 15.82
CA VAL A 119 11.84 10.31 17.09
C VAL A 119 10.83 11.06 17.96
N LYS A 120 10.85 12.39 17.89
CA LYS A 120 9.86 13.20 18.60
C LYS A 120 8.44 12.85 18.17
N ALA A 121 8.24 12.63 16.87
CA ALA A 121 6.93 12.31 16.32
C ALA A 121 6.55 10.85 16.47
N LEU A 122 7.50 9.99 16.83
CA LEU A 122 7.26 8.55 16.79
C LEU A 122 6.14 8.08 17.70
N PRO A 123 6.01 8.53 18.95
CA PRO A 123 4.90 8.03 19.79
C PRO A 123 3.54 8.20 19.12
N GLY A 124 3.31 9.36 18.52
CA GLY A 124 2.04 9.58 17.84
C GLY A 124 1.82 8.66 16.66
N GLN A 125 2.91 8.18 16.05
CA GLN A 125 2.83 7.24 14.93
C GLN A 125 2.62 5.81 15.39
N LEU A 126 3.04 5.46 16.61
CA LEU A 126 2.89 4.10 17.12
C LEU A 126 1.56 3.90 17.83
N LYS A 127 1.04 4.96 18.42
CA LYS A 127 -0.19 4.89 19.19
C LYS A 127 -1.36 4.21 18.47
N PRO A 128 -1.59 4.40 17.16
CA PRO A 128 -2.71 3.68 16.52
C PRO A 128 -2.62 2.17 16.64
N PHE A 129 -1.41 1.61 16.60
CA PHE A 129 -1.28 0.16 16.71
C PHE A 129 -1.54 -0.32 18.12
N GLU A 130 -1.12 0.45 19.14
CA GLU A 130 -1.48 0.14 20.51
C GLU A 130 -3.00 0.19 20.69
N THR A 131 -3.64 1.19 20.08
CA THR A 131 -5.10 1.29 20.16
C THR A 131 -5.77 0.06 19.55
N LEU A 132 -5.30 -0.35 18.38
CA LEU A 132 -5.83 -1.56 17.73
C LEU A 132 -5.71 -2.77 18.65
N LEU A 133 -4.53 -2.98 19.24
CA LEU A 133 -4.39 -4.08 20.19
C LEU A 133 -5.37 -3.96 21.35
N SER A 134 -5.54 -2.74 21.87
CA SER A 134 -6.40 -2.56 23.03
C SER A 134 -7.86 -2.92 22.74
N GLN A 135 -8.26 -2.87 21.48
CA GLN A 135 -9.62 -3.15 21.07
C GLN A 135 -9.83 -4.60 20.64
N ASN A 136 -8.79 -5.44 20.73
CA ASN A 136 -8.87 -6.83 20.29
C ASN A 136 -8.40 -7.73 21.43
N GLN A 137 -9.34 -8.25 22.21
CA GLN A 137 -9.04 -9.20 23.28
C GLN A 137 -8.00 -8.63 24.25
N GLY A 138 -8.11 -7.34 24.54
CA GLY A 138 -7.17 -6.70 25.45
C GLY A 138 -5.73 -6.74 25.01
N GLY A 139 -5.48 -6.93 23.71
CA GLY A 139 -4.13 -6.98 23.21
C GLY A 139 -3.40 -8.28 23.43
N LYS A 140 -4.10 -9.35 23.80
CA LYS A 140 -3.49 -10.60 24.22
C LYS A 140 -3.19 -11.57 23.08
N THR A 141 -3.68 -11.30 21.87
CA THR A 141 -3.56 -12.27 20.80
C THR A 141 -2.81 -11.63 19.63
N PHE A 142 -3.50 -11.25 18.57
CA PHE A 142 -2.88 -10.72 17.37
C PHE A 142 -3.43 -9.34 17.07
N ILE A 143 -2.96 -8.73 16.00
CA ILE A 143 -3.39 -7.37 15.72
C ILE A 143 -4.84 -7.33 15.25
N VAL A 144 -5.29 -8.36 14.53
CA VAL A 144 -6.68 -8.51 14.10
C VAL A 144 -7.15 -9.92 14.42
N GLY A 145 -8.24 -10.03 15.17
CA GLY A 145 -8.82 -11.33 15.40
C GLY A 145 -7.94 -12.21 16.29
N ASP A 146 -8.21 -13.50 16.24
CA ASP A 146 -7.54 -14.44 17.13
C ASP A 146 -6.58 -15.38 16.41
N GLN A 147 -6.23 -15.09 15.16
CA GLN A 147 -5.22 -15.83 14.44
C GLN A 147 -4.28 -14.83 13.78
N ILE A 148 -3.05 -15.30 13.54
CA ILE A 148 -2.02 -14.45 12.98
C ILE A 148 -2.36 -14.10 11.54
N SER A 149 -1.93 -12.93 11.10
CA SER A 149 -2.16 -12.48 9.73
C SER A 149 -0.86 -11.92 9.20
N PHE A 150 -0.81 -11.70 7.87
CA PHE A 150 0.40 -11.12 7.30
C PHE A 150 0.70 -9.76 7.91
N ALA A 151 -0.33 -9.04 8.34
CA ALA A 151 -0.13 -7.73 8.95
C ALA A 151 0.63 -7.84 10.27
N ASP A 152 0.46 -8.94 11.02
CA ASP A 152 1.26 -9.12 12.23
C ASP A 152 2.74 -9.14 11.90
N TYR A 153 3.14 -9.88 10.85
CA TYR A 153 4.56 -9.97 10.55
C TYR A 153 5.11 -8.61 10.13
N ASN A 154 4.33 -7.87 9.34
CA ASN A 154 4.78 -6.54 8.91
C ASN A 154 4.88 -5.58 10.08
N LEU A 155 3.83 -5.54 10.93
CA LEU A 155 3.87 -4.71 12.13
C LEU A 155 5.02 -5.10 13.04
N LEU A 156 5.24 -6.40 13.25
CA LEU A 156 6.35 -6.84 14.09
C LEU A 156 7.66 -6.30 13.56
N ASP A 157 7.91 -6.44 12.25
CA ASP A 157 9.14 -5.90 11.70
C ASP A 157 9.26 -4.40 11.94
N LEU A 158 8.17 -3.66 11.69
CA LEU A 158 8.18 -2.22 11.90
C LEU A 158 8.57 -1.89 13.34
N LEU A 159 8.03 -2.64 14.29
CA LEU A 159 8.34 -2.38 15.69
C LEU A 159 9.79 -2.72 16.01
N LEU A 160 10.28 -3.85 15.48
CA LEU A 160 11.68 -4.25 15.73
C LEU A 160 12.66 -3.20 15.22
N ILE A 161 12.45 -2.69 14.00
CA ILE A 161 13.39 -1.73 13.46
C ILE A 161 13.29 -0.40 14.19
N HIS A 162 12.10 -0.05 14.70
CA HIS A 162 11.99 1.19 15.47
C HIS A 162 12.63 1.08 16.84
N GLU A 163 12.66 -0.11 17.43
CA GLU A 163 13.39 -0.29 18.68
C GLU A 163 14.88 -0.09 18.48
N VAL A 164 15.40 -0.43 17.29
CA VAL A 164 16.81 -0.14 17.01
C VAL A 164 17.03 1.34 16.79
N LEU A 165 16.11 2.00 16.07
CA LEU A 165 16.26 3.43 15.79
C LEU A 165 16.12 4.25 17.06
N ALA A 166 15.18 3.87 17.92
CA ALA A 166 14.83 4.66 19.10
C ALA A 166 14.64 3.70 20.26
N PRO A 167 15.74 3.23 20.86
CA PRO A 167 15.62 2.23 21.94
C PRO A 167 14.71 2.74 23.04
N GLY A 168 13.81 1.87 23.48
CA GLY A 168 12.85 2.24 24.49
C GLY A 168 11.55 2.81 23.97
N CYS A 169 11.39 2.93 22.65
CA CYS A 169 10.19 3.58 22.13
C CYS A 169 8.91 2.82 22.49
N LEU A 170 8.98 1.53 22.76
CA LEU A 170 7.78 0.78 23.15
C LEU A 170 7.53 0.79 24.65
N ASP A 171 8.40 1.42 25.43
CA ASP A 171 8.17 1.50 26.87
C ASP A 171 6.87 2.22 27.18
N ALA A 172 6.42 3.11 26.29
CA ALA A 172 5.18 3.83 26.50
C ALA A 172 3.96 3.07 26.02
N PHE A 173 4.15 1.89 25.45
CA PHE A 173 3.08 1.13 24.82
C PHE A 173 3.09 -0.30 25.36
N PRO A 174 2.42 -0.55 26.49
CA PRO A 174 2.54 -1.89 27.10
C PRO A 174 2.03 -3.00 26.23
N LEU A 175 0.96 -2.75 25.46
CA LEU A 175 0.43 -3.82 24.64
C LEU A 175 1.37 -4.14 23.48
N LEU A 176 1.90 -3.11 22.82
CA LEU A 176 2.85 -3.35 21.72
C LEU A 176 4.11 -4.02 22.24
N SER A 177 4.62 -3.57 23.39
CA SER A 177 5.82 -4.18 23.95
CA SER A 177 5.82 -4.17 23.97
C SER A 177 5.61 -5.67 24.21
N ALA A 178 4.49 -6.04 24.87
CA ALA A 178 4.23 -7.46 25.16
C ALA A 178 3.99 -8.25 23.88
N TYR A 179 3.34 -7.61 22.89
CA TYR A 179 3.08 -8.25 21.59
C TYR A 179 4.38 -8.60 20.88
N VAL A 180 5.34 -7.68 20.85
CA VAL A 180 6.65 -7.98 20.28
C VAL A 180 7.27 -9.18 20.97
N GLY A 181 7.25 -9.21 22.31
CA GLY A 181 7.85 -10.33 23.01
C GLY A 181 7.15 -11.65 22.70
N ARG A 182 5.82 -11.62 22.63
CA ARG A 182 5.04 -12.83 22.42
C ARG A 182 5.26 -13.39 21.02
N LEU A 183 5.14 -12.54 19.99
CA LEU A 183 5.35 -13.04 18.62
C LEU A 183 6.79 -13.50 18.43
N SER A 184 7.74 -12.78 19.00
CA SER A 184 9.15 -13.13 18.83
C SER A 184 9.49 -14.46 19.51
N ALA A 185 8.66 -14.92 20.42
CA ALA A 185 8.89 -16.16 21.12
C ALA A 185 8.25 -17.37 20.43
N ARG A 186 7.46 -17.16 19.39
CA ARG A 186 6.94 -18.29 18.64
C ARG A 186 8.10 -19.14 18.14
N PRO A 187 8.12 -20.45 18.42
CA PRO A 187 9.38 -21.22 18.25
C PRO A 187 10.07 -21.10 16.90
N LYS A 188 9.35 -21.27 15.80
CA LYS A 188 10.01 -21.18 14.49
C LYS A 188 10.52 -19.77 14.22
N LEU A 189 9.74 -18.76 14.63
CA LEU A 189 10.16 -17.38 14.41
C LEU A 189 11.34 -17.02 15.29
N LYS A 190 11.31 -17.45 16.55
CA LYS A 190 12.43 -17.22 17.45
C LYS A 190 13.71 -17.80 16.86
N ALA A 191 13.65 -19.02 16.35
CA ALA A 191 14.84 -19.65 15.76
C ALA A 191 15.32 -18.86 14.55
N PHE A 192 14.39 -18.41 13.71
CA PHE A 192 14.77 -17.63 12.52
C PHE A 192 15.43 -16.33 12.92
N LEU A 193 14.84 -15.60 13.88
CA LEU A 193 15.39 -14.32 14.29
C LEU A 193 16.77 -14.45 14.92
N ALA A 194 17.10 -15.60 15.47
CA ALA A 194 18.41 -15.84 16.06
C ALA A 194 19.42 -16.38 15.07
N SER A 195 19.01 -16.68 13.85
CA SER A 195 19.84 -17.39 12.90
C SER A 195 20.72 -16.44 12.10
N PRO A 196 21.87 -16.92 11.61
CA PRO A 196 22.76 -16.04 10.82
C PRO A 196 22.10 -15.44 9.60
N GLU A 197 21.18 -16.15 8.94
CA GLU A 197 20.62 -15.55 7.73
C GLU A 197 19.78 -14.32 8.01
N TYR A 198 19.31 -14.16 9.24
CA TYR A 198 18.68 -12.90 9.68
C TYR A 198 19.70 -11.97 10.34
N VAL A 199 20.42 -12.48 11.35
CA VAL A 199 21.25 -11.62 12.18
C VAL A 199 22.36 -10.97 11.36
N ASN A 200 22.91 -11.69 10.37
CA ASN A 200 24.09 -11.18 9.67
C ASN A 200 23.76 -10.31 8.47
N LEU A 201 22.46 -10.00 8.23
CA LEU A 201 22.10 -8.97 7.27
C LEU A 201 21.90 -7.65 7.98
N PRO A 202 22.34 -6.55 7.39
CA PRO A 202 21.97 -5.23 7.93
C PRO A 202 20.49 -4.96 7.70
N ILE A 203 19.94 -4.10 8.54
CA ILE A 203 18.54 -3.70 8.37
C ILE A 203 18.32 -3.00 7.04
N ASN A 204 19.20 -2.04 6.73
CA ASN A 204 19.07 -1.19 5.55
C ASN A 204 20.35 -1.29 4.72
N GLY A 205 20.35 -0.64 3.56
CA GLY A 205 21.44 -0.77 2.61
C GLY A 205 22.54 0.26 2.69
N ASN A 206 22.40 1.26 3.55
CA ASN A 206 23.36 2.36 3.65
C ASN A 206 24.07 2.41 4.99
N GLY A 207 23.97 1.33 5.79
CA GLY A 207 24.64 1.27 7.05
C GLY A 207 23.99 2.04 8.19
N LYS A 208 22.83 2.64 7.97
CA LYS A 208 22.16 3.41 9.00
C LYS A 208 20.99 2.61 9.58
N GLN A 209 20.70 2.85 10.86
CA GLN A 209 19.62 2.17 11.54
C GLN A 209 19.26 2.92 12.82
N PRO B 2 -26.04 2.28 2.29
CA PRO B 2 -25.20 1.42 3.13
C PRO B 2 -23.80 1.97 3.34
N TYR B 3 -23.32 2.82 2.44
CA TYR B 3 -21.95 3.32 2.49
C TYR B 3 -21.93 4.82 2.78
N THR B 4 -20.92 5.24 3.54
CA THR B 4 -20.67 6.65 3.80
C THR B 4 -19.21 6.93 3.57
N VAL B 5 -18.93 8.00 2.81
CA VAL B 5 -17.58 8.48 2.56
C VAL B 5 -17.42 9.78 3.32
N VAL B 6 -16.43 9.85 4.20
CA VAL B 6 -16.13 11.04 5.00
C VAL B 6 -14.81 11.59 4.51
N TYR B 7 -14.83 12.79 3.93
CA TYR B 7 -13.64 13.31 3.27
C TYR B 7 -13.74 14.81 3.09
N PHE B 8 -12.58 15.41 2.81
CA PHE B 8 -12.51 16.79 2.39
C PHE B 8 -13.19 16.98 1.04
N PRO B 9 -13.58 18.25 0.68
CA PRO B 9 -14.24 18.51 -0.61
C PRO B 9 -13.25 18.56 -1.77
N VAL B 10 -12.59 17.42 -2.01
CA VAL B 10 -11.63 17.27 -3.10
CA VAL B 10 -11.58 17.25 -3.04
C VAL B 10 -11.81 15.88 -3.66
N ARG B 11 -11.30 15.66 -4.88
CA ARG B 11 -11.29 14.32 -5.46
C ARG B 11 -10.28 13.44 -4.72
N GLY B 12 -9.00 13.78 -4.86
CA GLY B 12 -7.96 13.20 -4.02
C GLY B 12 -8.00 11.69 -3.94
N ARG B 13 -7.88 11.18 -2.71
CA ARG B 13 -7.83 9.74 -2.45
C ARG B 13 -9.19 9.08 -2.40
N CYS B 14 -10.27 9.80 -2.65
CA CYS B 14 -11.59 9.19 -2.79
C CYS B 14 -12.07 9.10 -4.22
N ALA B 15 -11.31 9.65 -5.18
CA ALA B 15 -11.79 9.67 -6.55
C ALA B 15 -11.99 8.25 -7.08
N ALA B 16 -11.02 7.36 -6.85
CA ALA B 16 -11.13 6.03 -7.41
C ALA B 16 -12.26 5.23 -6.78
N LEU B 17 -12.39 5.29 -5.44
CA LEU B 17 -13.45 4.53 -4.80
C LEU B 17 -14.83 5.08 -5.17
N ARG B 18 -14.94 6.39 -5.41
CA ARG B 18 -16.22 6.94 -5.90
C ARG B 18 -16.53 6.45 -7.30
N MET B 19 -15.54 6.43 -8.18
CA MET B 19 -15.75 5.89 -9.53
CA MET B 19 -15.76 5.89 -9.52
C MET B 19 -16.21 4.45 -9.46
N LEU B 20 -15.58 3.67 -8.56
CA LEU B 20 -15.97 2.28 -8.38
C LEU B 20 -17.43 2.18 -7.96
N LEU B 21 -17.81 2.91 -6.91
CA LEU B 21 -19.18 2.86 -6.42
C LEU B 21 -20.17 3.27 -7.51
N ALA B 22 -19.88 4.38 -8.20
CA ALA B 22 -20.80 4.84 -9.24
C ALA B 22 -20.92 3.82 -10.36
N ASP B 23 -19.78 3.31 -10.82
CA ASP B 23 -19.81 2.39 -11.94
C ASP B 23 -20.50 1.08 -11.58
N GLN B 24 -20.43 0.68 -10.32
CA GLN B 24 -21.08 -0.52 -9.81
C GLN B 24 -22.52 -0.27 -9.39
N GLY B 25 -23.05 0.92 -9.65
CA GLY B 25 -24.44 1.22 -9.33
C GLY B 25 -24.75 1.23 -7.85
N GLN B 26 -23.77 1.52 -7.02
CA GLN B 26 -23.98 1.54 -5.58
C GLN B 26 -24.38 2.94 -5.11
N SER B 27 -25.12 2.98 -4.01
CA SER B 27 -25.52 4.24 -3.41
C SER B 27 -24.62 4.54 -2.23
N TRP B 28 -24.30 5.82 -2.04
CA TRP B 28 -23.50 6.19 -0.89
C TRP B 28 -23.79 7.62 -0.47
N LYS B 29 -23.48 7.91 0.78
CA LYS B 29 -23.58 9.24 1.36
C LYS B 29 -22.19 9.87 1.39
N GLU B 30 -22.12 11.14 1.00
CA GLU B 30 -20.92 11.94 1.18
C GLU B 30 -21.08 12.81 2.42
N GLU B 31 -20.19 12.64 3.39
CA GLU B 31 -20.09 13.53 4.54
C GLU B 31 -18.86 14.39 4.32
N VAL B 32 -19.09 15.66 4.00
CA VAL B 32 -18.03 16.58 3.62
C VAL B 32 -17.47 17.25 4.87
N VAL B 33 -16.15 17.22 5.01
CA VAL B 33 -15.44 17.85 6.13
C VAL B 33 -14.60 18.97 5.53
N THR B 34 -14.92 20.21 5.87
CA THR B 34 -14.09 21.30 5.39
C THR B 34 -12.78 21.34 6.19
N VAL B 35 -11.78 21.98 5.59
CA VAL B 35 -10.52 22.18 6.31
C VAL B 35 -10.75 22.95 7.60
N GLU B 36 -11.70 23.88 7.62
CA GLU B 36 -12.02 24.61 8.84
C GLU B 36 -12.48 23.69 9.95
N THR B 37 -13.48 22.85 9.65
CA THR B 37 -13.97 21.89 10.63
C THR B 37 -12.83 20.98 11.10
N TRP B 38 -11.99 20.54 10.16
CA TRP B 38 -10.87 19.67 10.50
C TRP B 38 -9.91 20.34 11.47
N GLN B 39 -9.72 21.66 11.36
CA GLN B 39 -8.82 22.36 12.28
C GLN B 39 -9.33 22.35 13.71
N GLU B 40 -10.64 22.17 13.92
CA GLU B 40 -11.16 22.12 15.27
C GLU B 40 -10.54 20.97 16.06
N GLY B 41 -10.26 19.84 15.40
CA GLY B 41 -9.43 18.80 15.95
C GLY B 41 -10.15 17.56 16.43
N SER B 42 -11.45 17.63 16.72
CA SER B 42 -12.11 16.50 17.37
C SER B 42 -12.28 15.31 16.42
N LEU B 43 -12.73 15.56 15.18
CA LEU B 43 -12.81 14.46 14.21
C LEU B 43 -11.45 13.82 14.01
N LYS B 44 -10.43 14.65 13.77
CA LYS B 44 -9.07 14.14 13.52
C LYS B 44 -8.60 13.24 14.66
N ALA B 45 -8.80 13.68 15.91
CA ALA B 45 -8.36 12.90 17.05
C ALA B 45 -9.07 11.55 17.11
N SER B 46 -10.29 11.46 16.57
CA SER B 46 -11.04 10.22 16.57
C SER B 46 -10.68 9.28 15.42
N CYS B 47 -9.94 9.74 14.41
CA CYS B 47 -9.58 8.91 13.28
C CYS B 47 -8.36 8.05 13.62
N LEU B 48 -8.39 6.79 13.18
CA LEU B 48 -7.39 5.83 13.63
C LEU B 48 -5.97 6.33 13.38
N TYR B 49 -5.70 6.82 12.18
CA TYR B 49 -4.40 7.35 11.84
C TYR B 49 -4.41 8.87 11.72
N GLY B 50 -5.40 9.53 12.32
CA GLY B 50 -5.46 10.97 12.27
C GLY B 50 -5.76 11.57 10.92
N GLN B 51 -6.34 10.78 10.00
CA GLN B 51 -6.51 11.22 8.61
C GLN B 51 -7.83 10.74 8.03
N LEU B 52 -8.21 11.39 6.93
CA LEU B 52 -9.33 10.98 6.08
C LEU B 52 -8.76 10.45 4.76
N PRO B 53 -9.52 9.62 4.03
CA PRO B 53 -10.93 9.27 4.25
C PRO B 53 -11.20 8.30 5.40
N LYS B 54 -12.41 8.46 5.92
CA LYS B 54 -13.07 7.50 6.78
C LYS B 54 -14.25 6.94 6.00
N PHE B 55 -14.56 5.67 6.20
CA PHE B 55 -15.58 5.01 5.40
C PHE B 55 -16.42 4.14 6.31
N GLN B 56 -17.71 4.11 6.07
CA GLN B 56 -18.61 3.28 6.84
C GLN B 56 -19.36 2.36 5.88
N ASP B 57 -19.40 1.08 6.23
CA ASP B 57 -20.21 0.08 5.54
C ASP B 57 -21.00 -0.56 6.66
N GLY B 58 -22.23 -0.10 6.88
CA GLY B 58 -22.92 -0.47 8.10
C GLY B 58 -22.13 0.00 9.30
N ASP B 59 -21.98 -0.88 10.30
CA ASP B 59 -21.18 -0.53 11.47
C ASP B 59 -19.71 -0.85 11.33
N LEU B 60 -19.26 -1.27 10.14
CA LEU B 60 -17.84 -1.42 9.91
C LEU B 60 -17.31 -0.04 9.53
N THR B 61 -16.38 0.46 10.32
CA THR B 61 -15.71 1.72 10.03
C THR B 61 -14.30 1.39 9.58
N LEU B 62 -13.93 1.91 8.43
CA LEU B 62 -12.61 1.72 7.88
C LEU B 62 -11.93 3.06 7.67
N TYR B 63 -10.61 3.03 7.74
CA TYR B 63 -9.72 4.09 7.31
C TYR B 63 -8.78 3.45 6.29
N GLN B 64 -8.07 4.31 5.55
CA GLN B 64 -7.09 3.95 4.52
C GLN B 64 -7.75 3.75 3.17
N SER B 65 -7.45 4.63 2.22
CA SER B 65 -8.09 4.61 0.90
C SER B 65 -7.95 3.24 0.21
N ASN B 66 -6.77 2.60 0.29
CA ASN B 66 -6.63 1.31 -0.37
C ASN B 66 -7.33 0.19 0.38
N THR B 67 -7.51 0.34 1.69
CA THR B 67 -8.33 -0.60 2.44
C THR B 67 -9.78 -0.53 1.96
N ILE B 68 -10.29 0.69 1.75
CA ILE B 68 -11.64 0.85 1.23
C ILE B 68 -11.76 0.21 -0.15
N LEU B 69 -10.79 0.49 -1.02
CA LEU B 69 -10.80 -0.12 -2.36
C LEU B 69 -10.81 -1.64 -2.28
N ARG B 70 -9.93 -2.21 -1.45
CA ARG B 70 -9.86 -3.67 -1.34
C ARG B 70 -11.13 -4.25 -0.73
N HIS B 71 -11.73 -3.54 0.21
CA HIS B 71 -12.96 -4.02 0.83
C HIS B 71 -14.10 -4.05 -0.20
N LEU B 72 -14.26 -2.96 -0.95
CA LEU B 72 -15.24 -2.94 -2.02
C LEU B 72 -14.92 -3.99 -3.08
N GLY B 73 -13.64 -4.15 -3.41
CA GLY B 73 -13.25 -5.18 -4.36
C GLY B 73 -13.63 -6.57 -3.90
N ARG B 74 -13.34 -6.88 -2.63
CA ARG B 74 -13.64 -8.18 -2.07
C ARG B 74 -15.13 -8.44 -2.03
N THR B 75 -15.89 -7.46 -1.53
CA THR B 75 -17.32 -7.67 -1.31
C THR B 75 -18.15 -7.58 -2.59
N LEU B 76 -17.67 -6.87 -3.61
CA LEU B 76 -18.40 -6.70 -4.85
C LEU B 76 -17.86 -7.56 -6.00
N GLY B 77 -16.86 -8.40 -5.75
CA GLY B 77 -16.36 -9.28 -6.78
C GLY B 77 -15.50 -8.59 -7.81
N LEU B 78 -14.68 -7.63 -7.37
CA LEU B 78 -13.80 -6.85 -8.22
C LEU B 78 -12.35 -7.06 -7.78
N TYR B 79 -11.97 -8.33 -7.60
CA TYR B 79 -10.68 -8.68 -7.04
C TYR B 79 -10.11 -9.92 -7.73
N GLY B 80 -10.34 -10.02 -9.03
CA GLY B 80 -9.83 -11.16 -9.80
C GLY B 80 -10.69 -12.40 -9.67
N LYS B 81 -10.43 -13.36 -10.56
CA LYS B 81 -11.20 -14.58 -10.61
C LYS B 81 -10.65 -15.66 -9.68
N ASP B 82 -9.41 -15.51 -9.24
CA ASP B 82 -8.74 -16.53 -8.43
C ASP B 82 -7.59 -15.85 -7.69
N GLN B 83 -6.87 -16.64 -6.90
CA GLN B 83 -5.79 -16.08 -6.09
C GLN B 83 -4.67 -15.52 -6.96
N GLN B 84 -4.40 -16.17 -8.10
CA GLN B 84 -3.36 -15.66 -8.97
C GLN B 84 -3.70 -14.26 -9.47
N GLU B 85 -4.93 -14.09 -9.97
CA GLU B 85 -5.35 -12.77 -10.42
C GLU B 85 -5.40 -11.77 -9.27
N ALA B 86 -5.81 -12.20 -8.08
CA ALA B 86 -5.85 -11.28 -6.94
C ALA B 86 -4.45 -10.73 -6.66
N ALA B 87 -3.43 -11.59 -6.76
CA ALA B 87 -2.06 -11.12 -6.55
C ALA B 87 -1.65 -10.10 -7.61
N LEU B 88 -2.03 -10.35 -8.86
CA LEU B 88 -1.72 -9.39 -9.93
C LEU B 88 -2.47 -8.07 -9.73
N VAL B 89 -3.72 -8.14 -9.28
CA VAL B 89 -4.48 -6.93 -8.95
C VAL B 89 -3.76 -6.13 -7.88
N ASP B 90 -3.29 -6.81 -6.80
CA ASP B 90 -2.51 -6.13 -5.77
C ASP B 90 -1.24 -5.51 -6.34
N MET B 91 -0.57 -6.23 -7.23
CA MET B 91 0.68 -5.73 -7.80
C MET B 91 0.43 -4.44 -8.58
N VAL B 92 -0.67 -4.38 -9.33
CA VAL B 92 -1.07 -3.15 -10.02
C VAL B 92 -1.38 -2.05 -9.01
N ASN B 93 -2.22 -2.36 -8.02
CA ASN B 93 -2.65 -1.31 -7.11
C ASN B 93 -1.48 -0.74 -6.32
N ASP B 94 -0.54 -1.59 -5.92
CA ASP B 94 0.63 -1.11 -5.19
C ASP B 94 1.48 -0.19 -6.06
N GLY B 95 1.59 -0.52 -7.36
CA GLY B 95 2.28 0.36 -8.28
C GLY B 95 1.56 1.70 -8.45
N VAL B 96 0.23 1.66 -8.53
CA VAL B 96 -0.55 2.89 -8.59
C VAL B 96 -0.30 3.74 -7.35
N GLU B 97 -0.34 3.11 -6.18
CA GLU B 97 -0.10 3.81 -4.92
C GLU B 97 1.28 4.47 -4.90
N ASP B 98 2.31 3.77 -5.38
CA ASP B 98 3.65 4.35 -5.38
C ASP B 98 3.68 5.62 -6.20
N LEU B 99 3.10 5.59 -7.40
CA LEU B 99 3.13 6.79 -8.22
C LEU B 99 2.23 7.87 -7.65
N ARG B 100 1.08 7.48 -7.08
CA ARG B 100 0.22 8.47 -6.43
C ARG B 100 0.96 9.19 -5.31
N CYS B 101 1.77 8.47 -4.52
CA CYS B 101 2.52 9.13 -3.46
C CYS B 101 3.49 10.17 -4.03
N LYS B 102 4.15 9.84 -5.14
CA LYS B 102 5.05 10.81 -5.78
C LYS B 102 4.28 12.01 -6.30
N TYR B 103 3.13 11.77 -6.93
CA TYR B 103 2.26 12.86 -7.40
C TYR B 103 1.88 13.77 -6.24
N ILE B 104 1.42 13.18 -5.13
CA ILE B 104 0.99 13.97 -3.99
C ILE B 104 2.14 14.76 -3.40
N SER B 105 3.33 14.15 -3.31
CA SER B 105 4.49 14.90 -2.84
C SER B 105 4.76 16.11 -3.74
N LEU B 106 4.68 15.94 -5.05
CA LEU B 106 4.86 17.06 -5.96
C LEU B 106 3.82 18.14 -5.71
N ILE B 107 2.54 17.75 -5.73
CA ILE B 107 1.44 18.71 -5.64
C ILE B 107 1.55 19.52 -4.35
N TYR B 108 1.74 18.83 -3.23
CA TYR B 108 1.59 19.50 -1.94
C TYR B 108 2.89 20.03 -1.37
N THR B 109 4.05 19.55 -1.84
CA THR B 109 5.32 19.95 -1.21
C THR B 109 6.35 20.55 -2.15
N ASN B 110 6.22 20.44 -3.46
CA ASN B 110 7.32 20.87 -4.32
C ASN B 110 6.88 21.16 -5.75
N TYR B 111 5.68 21.73 -5.94
CA TYR B 111 5.11 21.80 -7.29
C TYR B 111 5.99 22.66 -8.19
N GLU B 112 6.34 23.84 -7.71
CA GLU B 112 6.99 24.83 -8.55
C GLU B 112 8.39 24.37 -8.96
N ALA B 113 9.18 23.93 -7.99
CA ALA B 113 10.55 23.51 -8.28
C ALA B 113 10.62 22.09 -8.84
N GLY B 114 9.64 21.25 -8.56
CA GLY B 114 9.76 19.85 -8.93
C GLY B 114 9.05 19.42 -10.20
N LYS B 115 8.17 20.25 -10.75
CA LYS B 115 7.30 19.78 -11.82
C LYS B 115 8.09 19.35 -13.05
N ASP B 116 9.09 20.14 -13.46
CA ASP B 116 9.86 19.80 -14.66
C ASP B 116 10.48 18.41 -14.55
N ASP B 117 11.17 18.14 -13.44
CA ASP B 117 11.80 16.84 -13.27
C ASP B 117 10.75 15.73 -13.19
N TYR B 118 9.63 15.98 -12.53
CA TYR B 118 8.57 14.99 -12.43
C TYR B 118 8.04 14.61 -13.81
N VAL B 119 7.74 15.61 -14.64
CA VAL B 119 7.20 15.34 -15.96
C VAL B 119 8.24 14.64 -16.84
N LYS B 120 9.51 15.01 -16.70
CA LYS B 120 10.59 14.33 -17.39
C LYS B 120 10.62 12.83 -17.06
N ALA B 121 10.41 12.50 -15.79
CA ALA B 121 10.43 11.13 -15.32
C ALA B 121 9.14 10.38 -15.60
N LEU B 122 8.08 11.08 -15.98
CA LEU B 122 6.76 10.46 -16.04
C LEU B 122 6.65 9.31 -17.05
N PRO B 123 7.20 9.40 -18.27
CA PRO B 123 7.06 8.25 -19.18
C PRO B 123 7.56 6.95 -18.58
N GLY B 124 8.70 6.98 -17.88
CA GLY B 124 9.23 5.78 -17.24
C GLY B 124 8.35 5.28 -16.11
N GLN B 125 7.56 6.17 -15.50
CA GLN B 125 6.64 5.77 -14.44
C GLN B 125 5.34 5.20 -15.00
N LEU B 126 4.95 5.56 -16.21
CA LEU B 126 3.71 5.06 -16.81
C LEU B 126 3.91 3.78 -17.60
N LYS B 127 5.09 3.60 -18.17
CA LYS B 127 5.42 2.43 -18.98
C LYS B 127 5.06 1.09 -18.33
N PRO B 128 5.24 0.86 -17.02
CA PRO B 128 4.86 -0.44 -16.47
C PRO B 128 3.38 -0.77 -16.67
N PHE B 129 2.52 0.23 -16.63
CA PHE B 129 1.09 -0.05 -16.78
C PHE B 129 0.74 -0.37 -18.23
N GLU B 130 1.41 0.30 -19.19
CA GLU B 130 1.29 -0.10 -20.58
C GLU B 130 1.77 -1.53 -20.78
N THR B 131 2.88 -1.89 -20.14
CA THR B 131 3.39 -3.26 -20.24
C THR B 131 2.39 -4.27 -19.68
N LEU B 132 1.81 -3.96 -18.53
CA LEU B 132 0.79 -4.84 -17.96
C LEU B 132 -0.38 -5.04 -18.93
N LEU B 133 -0.89 -3.96 -19.52
CA LEU B 133 -1.95 -4.11 -20.51
C LEU B 133 -1.49 -4.98 -21.67
N SER B 134 -0.25 -4.76 -22.14
CA SER B 134 0.23 -5.49 -23.33
C SER B 134 0.28 -6.98 -23.10
N GLN B 135 0.39 -7.41 -21.85
CA GLN B 135 0.48 -8.83 -21.53
C GLN B 135 -0.87 -9.44 -21.18
N ASN B 136 -1.96 -8.67 -21.27
CA ASN B 136 -3.31 -9.17 -20.94
C ASN B 136 -4.24 -8.93 -22.13
N GLN B 137 -4.41 -9.93 -22.98
CA GLN B 137 -5.35 -9.85 -24.12
C GLN B 137 -5.05 -8.65 -25.02
N GLY B 138 -3.76 -8.38 -25.22
CA GLY B 138 -3.38 -7.26 -26.06
C GLY B 138 -3.86 -5.91 -25.57
N GLY B 139 -4.18 -5.81 -24.27
CA GLY B 139 -4.65 -4.56 -23.72
C GLY B 139 -6.10 -4.24 -24.01
N LYS B 140 -6.89 -5.20 -24.45
CA LYS B 140 -8.24 -4.91 -24.94
C LYS B 140 -9.31 -4.95 -23.86
N THR B 141 -8.97 -5.38 -22.64
CA THR B 141 -9.99 -5.59 -21.61
C THR B 141 -9.65 -4.74 -20.39
N PHE B 142 -9.13 -5.33 -19.33
CA PHE B 142 -8.86 -4.67 -18.07
C PHE B 142 -7.40 -4.82 -17.73
N ILE B 143 -6.99 -4.24 -16.59
CA ILE B 143 -5.58 -4.30 -16.26
C ILE B 143 -5.16 -5.71 -15.85
N VAL B 144 -6.06 -6.48 -15.23
CA VAL B 144 -5.81 -7.87 -14.86
C VAL B 144 -7.02 -8.69 -15.27
N GLY B 145 -6.80 -9.74 -16.05
CA GLY B 145 -7.88 -10.64 -16.39
C GLY B 145 -8.91 -9.98 -17.30
N ASP B 146 -10.09 -10.61 -17.33
CA ASP B 146 -11.13 -10.18 -18.26
C ASP B 146 -12.32 -9.56 -17.55
N GLN B 147 -12.21 -9.23 -16.28
CA GLN B 147 -13.23 -8.48 -15.57
C GLN B 147 -12.58 -7.34 -14.80
N ILE B 148 -13.39 -6.32 -14.54
CA ILE B 148 -12.88 -5.12 -13.90
C ILE B 148 -12.51 -5.42 -12.44
N SER B 149 -11.53 -4.71 -11.93
CA SER B 149 -11.09 -4.86 -10.55
C SER B 149 -10.95 -3.49 -9.93
N PHE B 150 -10.80 -3.45 -8.60
CA PHE B 150 -10.63 -2.15 -7.95
C PHE B 150 -9.38 -1.45 -8.46
N ALA B 151 -8.37 -2.23 -8.89
CA ALA B 151 -7.16 -1.62 -9.42
C ALA B 151 -7.42 -0.86 -10.72
N ASP B 152 -8.39 -1.29 -11.53
CA ASP B 152 -8.73 -0.50 -12.72
C ASP B 152 -9.18 0.89 -12.35
N TYR B 153 -10.04 1.01 -11.33
CA TYR B 153 -10.53 2.33 -10.96
C TYR B 153 -9.41 3.21 -10.43
N ASN B 154 -8.50 2.63 -9.63
CA ASN B 154 -7.38 3.39 -9.10
C ASN B 154 -6.42 3.81 -10.22
N LEU B 155 -6.07 2.86 -11.11
CA LEU B 155 -5.22 3.20 -12.25
C LEU B 155 -5.88 4.26 -13.14
N LEU B 156 -7.18 4.11 -13.41
CA LEU B 156 -7.86 5.11 -14.23
C LEU B 156 -7.74 6.50 -13.63
N ASP B 157 -7.98 6.62 -12.32
CA ASP B 157 -7.83 7.91 -11.69
C ASP B 157 -6.42 8.45 -11.82
N LEU B 158 -5.43 7.59 -11.58
CA LEU B 158 -4.03 8.00 -11.71
C LEU B 158 -3.76 8.55 -13.11
N LEU B 159 -4.29 7.89 -14.14
CA LEU B 159 -4.06 8.35 -15.49
C LEU B 159 -4.79 9.66 -15.75
N LEU B 160 -6.02 9.80 -15.27
CA LEU B 160 -6.78 11.03 -15.49
C LEU B 160 -6.07 12.23 -14.86
N ILE B 161 -5.57 12.10 -13.64
CA ILE B 161 -4.94 13.24 -13.00
C ILE B 161 -3.60 13.56 -13.67
N HIS B 162 -2.92 12.54 -14.20
CA HIS B 162 -1.67 12.82 -14.89
C HIS B 162 -1.90 13.48 -16.24
N GLU B 163 -3.02 13.20 -16.90
CA GLU B 163 -3.34 13.92 -18.13
C GLU B 163 -3.55 15.42 -17.85
N VAL B 164 -4.09 15.77 -16.69
CA VAL B 164 -4.22 17.17 -16.31
C VAL B 164 -2.85 17.77 -16.00
N LEU B 165 -2.00 17.03 -15.28
CA LEU B 165 -0.69 17.56 -14.90
C LEU B 165 0.20 17.73 -16.12
N ALA B 166 0.15 16.77 -17.05
CA ALA B 166 1.05 16.71 -18.20
C ALA B 166 0.24 16.30 -19.41
N PRO B 167 -0.49 17.25 -20.01
CA PRO B 167 -1.35 16.91 -21.15
C PRO B 167 -0.54 16.23 -22.25
N GLY B 168 -1.11 15.15 -22.78
CA GLY B 168 -0.44 14.37 -23.78
C GLY B 168 0.43 13.25 -23.26
N CYS B 169 0.49 13.04 -21.94
CA CYS B 169 1.41 12.04 -21.40
C CYS B 169 1.05 10.62 -21.82
N LEU B 170 -0.17 10.37 -22.27
CA LEU B 170 -0.54 9.04 -22.74
C LEU B 170 -0.39 8.87 -24.24
N ASP B 171 0.01 9.91 -24.97
CA ASP B 171 0.13 9.83 -26.41
C ASP B 171 1.13 8.77 -26.84
N ALA B 172 2.17 8.55 -26.05
CA ALA B 172 3.19 7.55 -26.32
C ALA B 172 2.71 6.13 -26.03
N PHE B 173 1.53 5.97 -25.42
CA PHE B 173 1.12 4.70 -24.82
C PHE B 173 -0.24 4.32 -25.40
N PRO B 174 -0.27 3.61 -26.52
CA PRO B 174 -1.56 3.36 -27.19
C PRO B 174 -2.51 2.52 -26.36
N LEU B 175 -2.00 1.56 -25.60
CA LEU B 175 -2.91 0.72 -24.82
C LEU B 175 -3.52 1.50 -23.67
N LEU B 176 -2.70 2.28 -22.94
CA LEU B 176 -3.25 3.11 -21.87
C LEU B 176 -4.24 4.13 -22.41
N SER B 177 -3.93 4.72 -23.57
CA SER B 177 -4.84 5.71 -24.14
C SER B 177 -6.18 5.10 -24.45
N ALA B 178 -6.17 3.96 -25.11
CA ALA B 178 -7.43 3.33 -25.47
C ALA B 178 -8.18 2.85 -24.22
N TYR B 179 -7.43 2.40 -23.22
CA TYR B 179 -7.99 1.92 -21.96
C TYR B 179 -8.74 3.04 -21.23
N VAL B 180 -8.11 4.22 -21.14
CA VAL B 180 -8.79 5.36 -20.53
C VAL B 180 -10.09 5.67 -21.26
N GLY B 181 -10.05 5.70 -22.59
CA GLY B 181 -11.26 6.00 -23.34
C GLY B 181 -12.34 4.96 -23.14
N ARG B 182 -11.94 3.68 -23.11
CA ARG B 182 -12.90 2.59 -22.97
C ARG B 182 -13.55 2.59 -21.59
N LEU B 183 -12.75 2.65 -20.52
CA LEU B 183 -13.34 2.66 -19.18
C LEU B 183 -14.19 3.90 -18.97
N SER B 184 -13.74 5.04 -19.49
CA SER B 184 -14.47 6.29 -19.28
C SER B 184 -15.80 6.30 -19.99
N ALA B 185 -15.99 5.44 -20.98
CA ALA B 185 -17.24 5.34 -21.73
C ALA B 185 -18.23 4.35 -21.12
N ARG B 186 -17.85 3.59 -20.10
CA ARG B 186 -18.80 2.72 -19.43
C ARG B 186 -19.96 3.57 -18.94
N PRO B 187 -21.21 3.23 -19.26
CA PRO B 187 -22.30 4.21 -19.09
C PRO B 187 -22.44 4.84 -17.70
N LYS B 188 -22.41 4.05 -16.63
CA LYS B 188 -22.58 4.65 -15.31
C LYS B 188 -21.37 5.51 -14.95
N LEU B 189 -20.17 5.07 -15.34
CA LEU B 189 -18.97 5.85 -15.03
C LEU B 189 -18.92 7.13 -15.86
N LYS B 190 -19.29 7.05 -17.14
CA LYS B 190 -19.37 8.24 -17.98
C LYS B 190 -20.29 9.28 -17.37
N ALA B 191 -21.47 8.84 -16.91
CA ALA B 191 -22.41 9.78 -16.30
C ALA B 191 -21.83 10.38 -15.05
N PHE B 192 -21.16 9.57 -14.23
CA PHE B 192 -20.57 10.10 -12.99
C PHE B 192 -19.48 11.12 -13.31
N LEU B 193 -18.60 10.80 -14.26
CA LEU B 193 -17.50 11.72 -14.57
C LEU B 193 -17.99 13.03 -15.16
N ALA B 194 -19.18 13.04 -15.76
CA ALA B 194 -19.77 14.27 -16.28
C ALA B 194 -20.59 15.04 -15.26
N SER B 195 -20.80 14.48 -14.09
CA SER B 195 -21.73 15.03 -13.13
C SER B 195 -21.07 16.10 -12.27
N PRO B 196 -21.85 17.05 -11.74
CA PRO B 196 -21.28 18.12 -10.92
C PRO B 196 -20.52 17.63 -9.71
N GLU B 197 -20.95 16.53 -9.09
CA GLU B 197 -20.29 16.10 -7.86
C GLU B 197 -18.85 15.66 -8.11
N TYR B 198 -18.51 15.33 -9.35
CA TYR B 198 -17.14 15.09 -9.77
C TYR B 198 -16.52 16.34 -10.38
N VAL B 199 -17.19 16.91 -11.39
CA VAL B 199 -16.58 17.99 -12.16
C VAL B 199 -16.28 19.21 -11.29
N ASN B 200 -17.16 19.53 -10.34
CA ASN B 200 -17.04 20.76 -9.58
C ASN B 200 -16.23 20.61 -8.30
N LEU B 201 -15.60 19.44 -8.08
CA LEU B 201 -14.61 19.32 -7.02
C LEU B 201 -13.22 19.51 -7.59
N PRO B 202 -12.32 20.21 -6.89
CA PRO B 202 -10.92 20.25 -7.34
C PRO B 202 -10.27 18.90 -7.14
N ILE B 203 -9.23 18.64 -7.95
CA ILE B 203 -8.50 17.38 -7.80
C ILE B 203 -7.83 17.30 -6.43
N ASN B 204 -7.16 18.38 -6.04
CA ASN B 204 -6.36 18.44 -4.81
C ASN B 204 -6.85 19.58 -3.94
N GLY B 205 -6.30 19.66 -2.72
CA GLY B 205 -6.79 20.64 -1.77
C GLY B 205 -6.10 21.99 -1.76
N ASN B 206 -5.06 22.17 -2.58
CA ASN B 206 -4.28 23.40 -2.59
C ASN B 206 -4.38 24.15 -3.90
N GLY B 207 -5.34 23.80 -4.75
CA GLY B 207 -5.54 24.49 -6.01
C GLY B 207 -4.55 24.15 -7.10
N LYS B 208 -3.65 23.19 -6.89
CA LYS B 208 -2.67 22.83 -7.89
C LYS B 208 -3.06 21.51 -8.54
N GLN B 209 -2.71 21.38 -9.83
CA GLN B 209 -3.03 20.18 -10.60
C GLN B 209 -2.14 20.11 -11.83
#